data_3IF8
#
_entry.id   3IF8
#
_cell.length_a   86.600
_cell.length_b   86.600
_cell.length_c   166.890
_cell.angle_alpha   90.000
_cell.angle_beta   90.000
_cell.angle_gamma   120.000
#
_symmetry.space_group_name_H-M   'P 32 2 1'
#
loop_
_entity.id
_entity.type
_entity.pdbx_description
1 polymer 'Protein zwilch homolog'
2 polymer 'Protein zwilch homolog'
3 water water
#
loop_
_entity_poly.entity_id
_entity_poly.type
_entity_poly.pdbx_seq_one_letter_code
_entity_poly.pdbx_strand_id
1 'polypeptide(L)'
;GPLGSMWERLNCAAEDFYSRLLQKFNEEKKGIRKDPFLYEADVQVQLISKGQPNPLKNILNENDIVFIVEKVPLEKEETS
HIEELQSEETAISDFSTGENVGPLALPVGKARQLIGLYTMAHNPNMTHLKINLPVTALPPLWVRCDSSDPEGTCWLGAEL
ITTNNSITGIVLYVVSCKADKNYSVNLENLKNLHKKRHHLSTVTSKGFAQYELFKSSALDDTITASQTAIALDISWSPVD
EILQIPPLSSTATLNIKVESGEPRGPLNHLYRELKFLLVLADGLRTGVTEWLEPLEAKSAVELVQEFLNDLNKLDGFGDS
TKKDTEVETLKHDTAAVDR
;
A
2 'polypeptide(L)'
;SVKRLFKVRSDLDFAEQLWCKMSSSVISYQDLVKCFTLIIQSLQRGDIQPWLHSGSNSLLSKLIHQSYHGTMDTVSLSGT
IPVQMLLEIGLDKLKKDYISFFIGQELASLNHLEYFIAPSVDIQEQVYRVQKLHHILEILVSCMPFIKSQHELLFSLTQI
CIKYYKQNPLDEQHIFQLPVRPTAVKNLYQSEKPQKWRVEIYSGQKKIKTVWQLSDSSPIDHLNFHKPDFSELTLNGSLE
ERIFFTNMVTCSQVHFK
;
B
#
# COMPACT_ATOMS: atom_id res chain seq x y z
N GLY A 1 -28.55 -21.97 -5.63
CA GLY A 1 -28.32 -23.43 -5.34
C GLY A 1 -29.54 -23.99 -4.65
N PRO A 2 -29.35 -24.68 -3.50
CA PRO A 2 -30.53 -25.11 -2.70
C PRO A 2 -31.15 -23.91 -1.96
N LEU A 3 -30.48 -22.76 -2.07
CA LEU A 3 -30.87 -21.51 -1.40
C LEU A 3 -32.18 -21.00 -1.98
N GLY A 4 -33.09 -20.61 -1.08
CA GLY A 4 -34.44 -20.18 -1.45
C GLY A 4 -35.47 -21.28 -1.65
N SER A 5 -35.03 -22.54 -1.65
CA SER A 5 -35.90 -23.70 -1.91
C SER A 5 -36.02 -24.60 -0.69
N MET A 6 -36.97 -25.53 -0.73
CA MET A 6 -37.13 -26.55 0.30
C MET A 6 -35.84 -27.29 0.68
N TRP A 7 -34.89 -27.38 -0.24
CA TRP A 7 -33.67 -28.14 0.02
C TRP A 7 -32.56 -27.32 0.68
N GLU A 8 -32.84 -26.04 0.97
CA GLU A 8 -31.88 -25.15 1.60
C GLU A 8 -31.30 -25.68 2.90
N ARG A 9 -32.15 -26.02 3.85
CA ARG A 9 -31.66 -26.57 5.12
C ARG A 9 -31.18 -28.00 4.87
N LEU A 10 -31.99 -28.76 4.15
CA LEU A 10 -31.73 -30.14 3.79
C LEU A 10 -30.32 -30.30 3.23
N ASN A 11 -29.99 -29.54 2.20
CA ASN A 11 -28.65 -29.59 1.61
C ASN A 11 -27.64 -28.58 2.18
N CYS A 12 -27.93 -28.01 3.35
CA CYS A 12 -26.89 -27.30 4.10
C CYS A 12 -26.36 -26.01 3.46
N ALA A 13 -27.21 -25.15 2.92
CA ALA A 13 -26.70 -23.93 2.31
C ALA A 13 -25.85 -23.14 3.29
N ALA A 14 -26.40 -22.87 4.46
CA ALA A 14 -25.70 -22.08 5.48
C ALA A 14 -24.38 -22.74 5.90
N GLU A 15 -24.42 -24.02 6.23
CA GLU A 15 -23.24 -24.75 6.69
C GLU A 15 -22.12 -24.79 5.64
N ASP A 16 -22.49 -24.92 4.37
CA ASP A 16 -21.51 -24.87 3.30
C ASP A 16 -20.93 -23.47 3.09
N PHE A 17 -21.69 -22.44 3.43
CA PHE A 17 -21.21 -21.07 3.40
C PHE A 17 -20.23 -20.91 4.57
N TYR A 18 -20.69 -21.22 5.78
CA TYR A 18 -19.83 -21.15 6.94
C TYR A 18 -18.52 -21.91 6.79
N SER A 19 -18.57 -23.06 6.11
CA SER A 19 -17.37 -23.89 5.92
C SER A 19 -16.40 -23.21 4.95
N ARG A 20 -16.91 -22.81 3.80
CA ARG A 20 -16.17 -22.05 2.81
C ARG A 20 -15.46 -20.86 3.46
N LEU A 21 -16.21 -20.08 4.23
CA LEU A 21 -15.65 -18.90 4.85
C LEU A 21 -14.59 -19.28 5.88
N LEU A 22 -14.80 -20.39 6.59
CA LEU A 22 -13.84 -20.88 7.60
C LEU A 22 -12.54 -21.31 6.94
N GLN A 23 -12.61 -21.77 5.69
CA GLN A 23 -11.40 -22.09 4.95
C GLN A 23 -10.52 -20.86 4.93
N LYS A 24 -11.06 -19.74 4.44
CA LYS A 24 -10.29 -18.50 4.26
C LYS A 24 -9.70 -17.91 5.53
N PHE A 25 -10.51 -17.71 6.56
CA PHE A 25 -10.00 -17.30 7.86
C PHE A 25 -8.84 -18.17 8.31
N ASN A 26 -9.01 -19.50 8.19
CA ASN A 26 -7.96 -20.48 8.51
C ASN A 26 -6.82 -20.42 7.50
N GLU A 27 -7.17 -20.16 6.24
CA GLU A 27 -6.19 -20.01 5.18
C GLU A 27 -5.37 -18.73 5.39
N GLU A 28 -6.05 -17.59 5.35
CA GLU A 28 -5.37 -16.28 5.38
C GLU A 28 -4.58 -15.99 6.66
N LYS A 29 -4.91 -16.68 7.75
CA LYS A 29 -4.02 -16.69 8.91
C LYS A 29 -2.62 -17.26 8.52
N LYS A 30 -2.37 -17.33 7.20
CA LYS A 30 -1.09 -17.72 6.59
C LYS A 30 -1.05 -17.38 5.08
N GLY A 31 -1.55 -18.28 4.24
CA GLY A 31 -1.57 -18.07 2.80
C GLY A 31 -2.55 -16.99 2.39
N ILE A 32 -2.17 -16.16 1.42
CA ILE A 32 -3.03 -15.05 0.96
C ILE A 32 -3.54 -15.31 -0.47
N ARG A 33 -4.41 -16.31 -0.60
CA ARG A 33 -4.94 -16.71 -1.91
C ARG A 33 -5.55 -15.55 -2.70
N LYS A 34 -4.70 -14.82 -3.42
CA LYS A 34 -5.06 -13.59 -4.12
C LYS A 34 -6.21 -13.77 -5.13
N ASP A 35 -7.23 -14.49 -4.69
CA ASP A 35 -8.40 -14.77 -5.49
C ASP A 35 -9.62 -14.67 -4.58
N PRO A 36 -10.53 -13.75 -4.88
CA PRO A 36 -11.80 -13.75 -4.16
C PRO A 36 -12.66 -14.92 -4.69
N PHE A 37 -12.98 -15.86 -3.80
CA PHE A 37 -13.68 -17.10 -4.21
C PHE A 37 -15.11 -16.89 -4.70
N LEU A 38 -15.46 -17.53 -5.80
CA LEU A 38 -16.81 -17.42 -6.35
C LEU A 38 -17.76 -18.29 -5.51
N TYR A 39 -18.57 -17.64 -4.69
CA TYR A 39 -19.55 -18.38 -3.92
C TYR A 39 -20.69 -18.84 -4.81
N GLU A 40 -21.16 -17.96 -5.70
CA GLU A 40 -22.34 -18.25 -6.50
C GLU A 40 -22.19 -17.67 -7.92
N ALA A 41 -21.07 -18.00 -8.57
CA ALA A 41 -20.77 -17.59 -9.96
C ALA A 41 -20.87 -16.09 -10.22
N ASP A 42 -21.96 -15.50 -9.73
CA ASP A 42 -22.25 -14.06 -9.83
C ASP A 42 -21.85 -13.36 -8.53
N VAL A 43 -21.42 -14.12 -7.53
CA VAL A 43 -21.19 -13.59 -6.19
C VAL A 43 -19.82 -14.03 -5.73
N GLN A 44 -18.95 -13.06 -5.42
CA GLN A 44 -17.59 -13.34 -4.96
C GLN A 44 -17.32 -12.79 -3.57
N VAL A 45 -16.34 -13.35 -2.87
CA VAL A 45 -16.09 -13.03 -1.46
C VAL A 45 -14.59 -12.92 -1.12
N GLN A 46 -14.14 -11.71 -0.80
CA GLN A 46 -12.76 -11.49 -0.42
C GLN A 46 -12.61 -11.33 1.08
N LEU A 47 -11.48 -11.76 1.64
CA LEU A 47 -11.16 -11.42 3.02
C LEU A 47 -10.16 -10.26 3.02
N ILE A 48 -10.24 -9.42 4.04
CA ILE A 48 -9.37 -8.25 4.14
C ILE A 48 -8.57 -8.33 5.43
N SER A 49 -7.28 -8.59 5.26
CA SER A 49 -6.35 -8.76 6.40
C SER A 49 -5.32 -7.63 6.46
N LYS A 50 -4.19 -7.93 7.12
CA LYS A 50 -2.96 -7.13 7.05
C LYS A 50 -3.19 -5.63 7.20
N GLY A 51 -2.66 -4.89 6.25
CA GLY A 51 -2.79 -3.43 6.19
C GLY A 51 -3.19 -3.07 4.78
N GLN A 52 -3.98 -3.96 4.19
CA GLN A 52 -4.50 -3.73 2.85
C GLN A 52 -5.67 -2.75 2.89
N PRO A 53 -5.96 -2.11 1.75
CA PRO A 53 -7.08 -1.19 1.74
C PRO A 53 -8.39 -1.88 2.15
N ASN A 54 -8.99 -1.33 3.20
CA ASN A 54 -10.31 -1.74 3.68
C ASN A 54 -11.41 -0.76 3.22
N PRO A 55 -12.34 -1.23 2.36
CA PRO A 55 -13.47 -0.38 1.89
C PRO A 55 -14.34 0.19 3.01
N LEU A 56 -14.32 -0.43 4.18
CA LEU A 56 -15.15 0.03 5.29
C LEU A 56 -14.54 1.23 6.01
N LYS A 57 -13.25 1.48 5.75
CA LYS A 57 -12.56 2.64 6.35
C LYS A 57 -13.15 3.99 5.94
N ASN A 58 -13.77 4.01 4.76
CA ASN A 58 -14.48 5.19 4.25
C ASN A 58 -15.60 5.63 5.16
N ILE A 59 -16.20 4.67 5.87
CA ILE A 59 -17.37 4.98 6.68
C ILE A 59 -17.27 4.60 8.16
N LEU A 60 -16.21 3.89 8.55
CA LEU A 60 -16.06 3.44 9.95
C LEU A 60 -14.66 3.64 10.50
N ASN A 61 -14.59 3.90 11.80
CA ASN A 61 -13.34 4.04 12.56
C ASN A 61 -12.57 2.75 12.80
N GLU A 62 -13.24 1.61 12.73
CA GLU A 62 -12.57 0.34 12.99
C GLU A 62 -11.93 -0.16 11.73
N ASN A 63 -10.72 -0.68 11.85
CA ASN A 63 -10.04 -1.33 10.76
C ASN A 63 -9.78 -2.80 11.16
N ASP A 64 -10.84 -3.59 11.11
CA ASP A 64 -10.79 -5.02 11.46
C ASP A 64 -10.63 -5.90 10.23
N ILE A 65 -10.29 -7.17 10.45
CA ILE A 65 -10.29 -8.20 9.40
C ILE A 65 -11.75 -8.46 9.07
N VAL A 66 -12.05 -8.60 7.78
CA VAL A 66 -13.43 -8.51 7.31
C VAL A 66 -13.63 -9.16 5.93
N PHE A 67 -14.76 -9.84 5.74
CA PHE A 67 -15.10 -10.31 4.39
C PHE A 67 -15.86 -9.21 3.69
N ILE A 68 -15.66 -9.08 2.39
CA ILE A 68 -16.43 -8.19 1.54
C ILE A 68 -17.01 -9.08 0.47
N VAL A 69 -18.31 -8.94 0.26
CA VAL A 69 -19.05 -9.71 -0.73
C VAL A 69 -19.64 -8.77 -1.78
N GLU A 70 -19.48 -9.11 -3.05
CA GLU A 70 -19.89 -8.23 -4.14
C GLU A 70 -20.26 -8.99 -5.40
N LYS A 71 -20.94 -8.32 -6.34
CA LYS A 71 -21.19 -8.90 -7.67
C LYS A 71 -19.90 -9.01 -8.49
N VAL A 72 -19.72 -10.14 -9.18
CA VAL A 72 -18.54 -10.41 -10.03
C VAL A 72 -18.50 -9.42 -11.21
N PRO A 73 -17.34 -8.75 -11.44
CA PRO A 73 -17.21 -7.65 -12.42
C PRO A 73 -17.82 -7.94 -13.80
N GLY A 102 -14.92 0.11 -11.14
CA GLY A 102 -15.05 -0.06 -9.69
C GLY A 102 -15.85 -1.30 -9.33
N PRO A 103 -15.83 -1.71 -8.04
CA PRO A 103 -16.61 -2.84 -7.51
C PRO A 103 -18.11 -2.74 -7.76
N LEU A 104 -18.77 -3.89 -7.95
CA LEU A 104 -20.21 -3.94 -8.20
C LEU A 104 -21.05 -4.44 -7.02
N ALA A 105 -22.26 -3.89 -6.91
CA ALA A 105 -23.16 -4.15 -5.80
C ALA A 105 -24.29 -5.13 -6.14
N LEU A 106 -24.54 -6.05 -5.22
CA LEU A 106 -25.67 -6.96 -5.30
C LEU A 106 -26.96 -6.24 -4.96
N PRO A 107 -28.11 -6.76 -5.43
CA PRO A 107 -29.40 -6.24 -4.98
C PRO A 107 -29.56 -6.44 -3.47
N VAL A 108 -30.26 -5.52 -2.80
CA VAL A 108 -30.37 -5.52 -1.36
C VAL A 108 -30.93 -6.86 -0.84
N GLY A 109 -31.93 -7.38 -1.55
CA GLY A 109 -32.61 -8.60 -1.19
C GLY A 109 -31.66 -9.77 -1.12
N LYS A 110 -30.78 -9.86 -2.12
CA LYS A 110 -29.75 -10.90 -2.22
C LYS A 110 -28.72 -10.79 -1.10
N ALA A 111 -28.25 -9.56 -0.84
CA ALA A 111 -27.36 -9.30 0.26
C ALA A 111 -28.00 -9.77 1.56
N ARG A 112 -29.31 -9.56 1.70
CA ARG A 112 -29.96 -9.94 2.94
C ARG A 112 -30.02 -11.45 3.17
N GLN A 113 -30.22 -12.21 2.10
CA GLN A 113 -30.12 -13.65 2.13
C GLN A 113 -28.75 -14.08 2.62
N LEU A 114 -27.70 -13.55 2.00
CA LEU A 114 -26.32 -13.88 2.41
C LEU A 114 -26.06 -13.51 3.84
N ILE A 115 -26.53 -12.33 4.29
CA ILE A 115 -26.43 -11.96 5.71
C ILE A 115 -27.19 -13.00 6.53
N GLY A 116 -28.30 -13.49 5.99
CA GLY A 116 -29.06 -14.57 6.63
C GLY A 116 -28.28 -15.87 6.84
N LEU A 117 -27.65 -16.37 5.77
CA LEU A 117 -26.87 -17.60 5.83
C LEU A 117 -25.80 -17.53 6.91
N TYR A 118 -25.14 -16.37 6.96
CA TYR A 118 -23.99 -16.18 7.80
C TYR A 118 -24.45 -16.19 9.25
N THR A 119 -25.57 -15.53 9.48
CA THR A 119 -26.22 -15.51 10.77
C THR A 119 -26.58 -16.93 11.23
N MET A 120 -27.38 -17.65 10.45
CA MET A 120 -27.79 -19.02 10.78
C MET A 120 -26.63 -19.97 10.99
N ALA A 121 -25.59 -19.83 10.18
CA ALA A 121 -24.46 -20.76 10.24
C ALA A 121 -23.75 -20.68 11.59
N HIS A 122 -23.89 -19.54 12.26
CA HIS A 122 -23.27 -19.28 13.56
C HIS A 122 -24.25 -19.45 14.74
N ASN A 123 -25.55 -19.52 14.43
CA ASN A 123 -26.60 -19.68 15.46
C ASN A 123 -26.56 -21.05 16.15
N PRO A 124 -26.47 -21.08 17.51
CA PRO A 124 -26.37 -22.36 18.25
C PRO A 124 -27.70 -23.15 18.22
N ASN A 125 -28.81 -22.43 18.16
CA ASN A 125 -30.15 -23.01 18.00
C ASN A 125 -30.39 -23.68 16.65
N MET A 126 -29.46 -23.55 15.71
CA MET A 126 -29.68 -24.15 14.39
C MET A 126 -29.09 -25.55 14.29
N THR A 127 -29.94 -26.47 13.84
CA THR A 127 -29.58 -27.86 13.62
C THR A 127 -28.45 -27.88 12.61
N HIS A 128 -27.40 -28.65 12.91
CA HIS A 128 -26.26 -28.81 12.00
C HIS A 128 -26.24 -30.22 11.44
N LEU A 129 -26.05 -30.34 10.12
CA LEU A 129 -26.02 -31.66 9.49
C LEU A 129 -24.63 -32.12 9.06
N LYS A 130 -23.71 -31.18 8.85
CA LYS A 130 -22.36 -31.52 8.43
C LYS A 130 -21.35 -31.17 9.51
N ILE A 131 -21.41 -29.93 9.99
CA ILE A 131 -20.43 -29.41 10.93
C ILE A 131 -20.65 -30.06 12.29
N ASN A 132 -19.60 -30.71 12.79
CA ASN A 132 -19.69 -31.43 14.05
C ASN A 132 -18.66 -30.96 15.08
N LEU A 133 -18.20 -29.72 14.92
CA LEU A 133 -17.38 -29.07 15.94
C LEU A 133 -18.03 -27.74 16.27
N PRO A 134 -17.78 -27.20 17.48
CA PRO A 134 -18.37 -25.91 17.73
C PRO A 134 -17.93 -24.85 16.70
N VAL A 135 -18.89 -24.05 16.22
CA VAL A 135 -18.62 -23.00 15.24
C VAL A 135 -17.72 -21.92 15.85
N THR A 136 -16.71 -21.50 15.09
CA THR A 136 -15.86 -20.36 15.47
C THR A 136 -16.47 -19.05 14.95
N ALA A 137 -16.34 -17.99 15.73
CA ALA A 137 -16.68 -16.64 15.24
C ALA A 137 -15.85 -16.34 14.02
N LEU A 138 -16.52 -16.04 12.91
CA LEU A 138 -15.80 -15.66 11.71
C LEU A 138 -15.68 -14.13 11.66
N PRO A 139 -14.66 -13.63 10.95
CA PRO A 139 -14.60 -12.22 10.59
C PRO A 139 -15.98 -11.73 10.16
N PRO A 140 -16.32 -10.51 10.57
CA PRO A 140 -17.55 -9.83 10.16
C PRO A 140 -17.76 -9.92 8.65
N LEU A 141 -19.01 -10.04 8.23
CA LEU A 141 -19.33 -10.13 6.81
C LEU A 141 -20.07 -8.87 6.35
N TRP A 142 -19.60 -8.27 5.26
CA TRP A 142 -20.18 -7.04 4.72
C TRP A 142 -20.51 -7.19 3.26
N VAL A 143 -21.67 -6.68 2.85
CA VAL A 143 -22.15 -6.89 1.47
C VAL A 143 -22.58 -5.59 0.77
N ARG A 144 -22.03 -5.37 -0.42
CA ARG A 144 -22.30 -4.19 -1.23
C ARG A 144 -23.70 -4.30 -1.82
N CYS A 145 -24.50 -3.28 -1.55
CA CYS A 145 -25.89 -3.24 -1.97
C CYS A 145 -26.08 -2.08 -2.89
N ASP A 146 -27.11 -2.19 -3.72
CA ASP A 146 -27.35 -1.27 -4.82
C ASP A 146 -28.36 -0.18 -4.47
N SER A 147 -28.69 -0.03 -3.20
CA SER A 147 -29.83 0.77 -2.81
C SER A 147 -31.03 0.19 -3.56
N SER A 148 -31.73 0.97 -4.37
CA SER A 148 -32.90 0.43 -5.10
C SER A 148 -33.95 -0.10 -4.13
N ASP A 149 -33.81 0.32 -2.88
CA ASP A 149 -34.54 -0.19 -1.75
C ASP A 149 -35.12 1.10 -1.13
N PRO A 150 -36.43 1.09 -0.77
CA PRO A 150 -37.03 2.28 -0.12
C PRO A 150 -36.00 3.13 0.67
N GLU A 151 -35.32 2.49 1.62
CA GLU A 151 -34.40 3.20 2.52
C GLU A 151 -32.96 3.30 2.02
N GLY A 152 -32.71 3.00 0.75
CA GLY A 152 -31.40 3.21 0.14
C GLY A 152 -30.23 2.63 0.91
N THR A 153 -30.19 1.31 1.02
CA THR A 153 -29.13 0.59 1.72
C THR A 153 -27.95 0.35 0.76
N CYS A 154 -26.76 0.80 1.16
CA CYS A 154 -25.59 0.61 0.32
C CYS A 154 -24.66 -0.45 0.88
N TRP A 155 -24.75 -0.73 2.18
CA TRP A 155 -24.03 -1.83 2.80
C TRP A 155 -24.92 -2.57 3.80
N LEU A 156 -24.77 -3.90 3.87
CA LEU A 156 -25.24 -4.69 5.02
C LEU A 156 -24.10 -5.44 5.68
N GLY A 157 -23.98 -5.33 7.00
CA GLY A 157 -22.93 -6.06 7.72
C GLY A 157 -23.39 -6.97 8.86
N ALA A 158 -22.61 -7.99 9.17
CA ALA A 158 -22.95 -8.84 10.30
C ALA A 158 -21.72 -9.09 11.15
N GLU A 159 -21.84 -8.80 12.45
CA GLU A 159 -20.74 -9.06 13.38
C GLU A 159 -21.17 -9.88 14.60
N LEU A 160 -20.37 -10.88 14.93
CA LEU A 160 -20.68 -11.75 16.07
C LEU A 160 -20.36 -11.11 17.41
N ILE A 161 -21.18 -11.41 18.42
CA ILE A 161 -20.95 -11.03 19.81
C ILE A 161 -20.60 -12.28 20.60
N THR A 162 -19.36 -12.41 21.03
CA THR A 162 -18.91 -13.63 21.74
C THR A 162 -18.57 -13.41 23.22
N THR A 163 -19.28 -14.12 24.10
CA THR A 163 -18.97 -14.18 25.54
C THR A 163 -17.94 -15.30 25.79
N ASN A 164 -16.70 -14.92 26.04
CA ASN A 164 -15.60 -15.89 26.19
C ASN A 164 -15.34 -16.58 24.85
N ASN A 165 -15.40 -17.91 24.82
CA ASN A 165 -15.38 -18.66 23.55
C ASN A 165 -16.81 -18.78 22.96
N SER A 166 -17.80 -18.79 23.84
CA SER A 166 -19.22 -18.92 23.50
C SER A 166 -19.80 -17.70 22.77
N ILE A 167 -20.44 -17.95 21.61
CA ILE A 167 -21.14 -16.91 20.85
C ILE A 167 -22.29 -16.36 21.71
N THR A 168 -23.25 -15.63 21.14
CA THR A 168 -24.42 -15.15 21.86
C THR A 168 -25.35 -14.35 20.96
N GLY A 169 -24.76 -13.60 20.03
CA GLY A 169 -25.53 -12.75 19.12
C GLY A 169 -24.74 -12.23 17.94
N ILE A 170 -25.42 -11.43 17.11
CA ILE A 170 -24.80 -10.81 15.96
C ILE A 170 -25.31 -9.40 16.00
N VAL A 171 -24.50 -8.48 15.50
CA VAL A 171 -24.92 -7.12 15.24
C VAL A 171 -25.18 -7.08 13.75
N LEU A 172 -26.33 -6.52 13.37
CA LEU A 172 -26.67 -6.35 11.97
C LEU A 172 -26.64 -4.87 11.62
N TYR A 173 -25.72 -4.52 10.74
CA TYR A 173 -25.53 -3.14 10.39
C TYR A 173 -26.22 -2.81 9.10
N VAL A 174 -26.85 -1.64 9.06
CA VAL A 174 -27.38 -1.07 7.83
C VAL A 174 -26.65 0.26 7.55
N VAL A 175 -26.23 0.46 6.31
CA VAL A 175 -25.65 1.72 5.91
C VAL A 175 -26.46 2.28 4.76
N SER A 176 -26.91 3.53 4.92
CA SER A 176 -27.53 4.25 3.81
C SER A 176 -26.77 5.52 3.50
N CYS A 177 -26.83 5.96 2.24
CA CYS A 177 -26.06 7.11 1.80
C CYS A 177 -26.85 8.01 0.85
N LYS A 178 -27.00 9.26 1.24
CA LYS A 178 -27.70 10.26 0.42
C LYS A 178 -26.76 11.36 -0.10
N ALA A 179 -27.00 11.80 -1.33
CA ALA A 179 -26.34 13.00 -1.88
C ALA A 179 -27.36 14.08 -2.21
N ASP A 180 -27.10 15.30 -1.74
CA ASP A 180 -28.03 16.41 -1.93
C ASP A 180 -27.33 17.79 -1.89
N LYS A 181 -28.04 18.83 -2.30
CA LYS A 181 -27.60 20.24 -2.15
C LYS A 181 -27.56 20.67 -0.68
N ASN A 182 -28.41 20.06 0.15
CA ASN A 182 -28.53 20.39 1.57
C ASN A 182 -28.27 19.17 2.45
N TYR A 183 -28.27 19.40 3.77
CA TYR A 183 -28.24 18.33 4.76
C TYR A 183 -28.71 18.87 6.10
N SER A 184 -29.28 18.00 6.92
CA SER A 184 -29.76 18.42 8.23
C SER A 184 -29.50 17.30 9.21
N VAL A 185 -28.87 17.64 10.33
CA VAL A 185 -28.52 16.68 11.35
C VAL A 185 -28.39 17.42 12.66
N ASN A 186 -28.59 16.72 13.75
CA ASN A 186 -28.61 17.31 15.07
C ASN A 186 -27.99 16.33 16.05
N LEU A 187 -26.90 16.76 16.69
CA LEU A 187 -26.14 15.96 17.65
C LEU A 187 -27.04 15.36 18.72
N GLU A 188 -28.09 16.07 19.10
CA GLU A 188 -29.03 15.60 20.11
C GLU A 188 -29.94 14.50 19.55
N ASN A 189 -30.47 14.72 18.36
CA ASN A 189 -31.29 13.72 17.67
C ASN A 189 -30.60 12.37 17.54
N LEU A 190 -29.33 12.39 17.16
CA LEU A 190 -28.57 11.16 16.96
C LEU A 190 -28.30 10.51 18.30
N LYS A 191 -28.03 11.33 19.30
CA LYS A 191 -27.84 10.83 20.65
C LYS A 191 -29.09 10.06 21.13
N ASN A 192 -30.26 10.67 20.94
CA ASN A 192 -31.50 10.06 21.40
C ASN A 192 -31.85 8.85 20.54
N LEU A 193 -31.79 9.06 19.22
CA LEU A 193 -31.99 8.01 18.23
C LEU A 193 -31.26 6.72 18.63
N HIS A 194 -30.03 6.85 19.12
CA HIS A 194 -29.27 5.70 19.60
C HIS A 194 -29.85 5.20 20.92
N LYS A 195 -30.16 6.13 21.83
CA LYS A 195 -30.74 5.80 23.13
C LYS A 195 -32.10 5.06 23.03
N LYS A 196 -33.02 5.62 22.25
CA LYS A 196 -34.34 5.02 22.04
C LYS A 196 -34.18 3.62 21.44
N ARG A 197 -33.42 3.54 20.36
CA ARG A 197 -33.29 2.32 19.58
C ARG A 197 -32.66 1.17 20.34
N HIS A 198 -31.74 1.44 21.27
CA HIS A 198 -31.05 0.36 21.98
C HIS A 198 -31.29 0.35 23.50
N HIS A 199 -32.27 1.13 23.94
CA HIS A 199 -32.66 1.24 25.36
C HIS A 199 -31.44 1.48 26.26
N LEU A 200 -30.95 2.72 26.27
CA LEU A 200 -29.79 3.10 27.10
C LEU A 200 -29.99 4.48 27.75
N SER A 201 -29.33 4.68 28.90
CA SER A 201 -29.47 5.93 29.68
C SER A 201 -28.28 6.88 29.49
N THR A 202 -27.07 6.32 29.45
CA THR A 202 -25.89 7.06 28.99
C THR A 202 -25.33 6.53 27.66
N VAL A 203 -24.43 7.33 27.08
CA VAL A 203 -24.02 7.24 25.68
C VAL A 203 -22.77 8.09 25.61
N THR A 204 -21.71 7.57 24.97
CA THR A 204 -20.60 8.47 24.63
C THR A 204 -20.36 8.70 23.13
N SER A 205 -19.35 9.50 22.78
CA SER A 205 -19.11 9.82 21.39
C SER A 205 -17.63 9.83 21.02
N LYS A 206 -17.37 9.59 19.74
CA LYS A 206 -16.04 9.54 19.18
C LYS A 206 -16.15 10.32 17.89
N GLY A 207 -15.13 11.13 17.62
CA GLY A 207 -15.11 12.00 16.46
C GLY A 207 -14.02 11.57 15.51
N PHE A 208 -14.21 11.90 14.24
CA PHE A 208 -13.24 11.57 13.20
C PHE A 208 -13.37 12.61 12.09
N ALA A 209 -12.24 13.08 11.59
CA ALA A 209 -12.25 13.95 10.42
C ALA A 209 -11.09 13.58 9.50
N GLN A 210 -11.30 13.75 8.19
CA GLN A 210 -10.28 13.46 7.21
C GLN A 210 -9.99 14.66 6.33
N TYR A 211 -8.70 14.95 6.14
CA TYR A 211 -8.26 16.06 5.30
C TYR A 211 -7.33 15.59 4.19
N GLU A 212 -7.79 15.75 2.95
CA GLU A 212 -7.04 15.41 1.76
C GLU A 212 -5.94 16.47 1.56
N LEU A 213 -4.68 16.07 1.71
CA LEU A 213 -3.59 17.02 1.59
C LEU A 213 -3.05 17.04 0.16
N PHE A 214 -3.04 15.87 -0.46
CA PHE A 214 -2.48 15.73 -1.78
C PHE A 214 -3.10 14.57 -2.55
N LYS A 215 -3.51 14.87 -3.78
CA LYS A 215 -4.05 13.87 -4.69
C LYS A 215 -3.17 13.70 -5.93
N SER A 216 -3.82 13.66 -7.10
CA SER A 216 -3.19 13.53 -8.42
C SER A 216 -4.20 12.99 -9.43
N GLN A 227 0.50 4.90 -6.81
CA GLN A 227 0.48 5.40 -5.43
C GLN A 227 -0.11 6.82 -5.37
N THR A 228 0.55 7.73 -4.65
CA THR A 228 0.27 9.17 -4.78
C THR A 228 -1.08 9.70 -4.21
N ALA A 229 -1.34 9.47 -2.92
CA ALA A 229 -2.49 10.12 -2.22
C ALA A 229 -2.31 10.20 -0.72
N ILE A 230 -2.31 11.41 -0.19
CA ILE A 230 -2.02 11.65 1.22
C ILE A 230 -3.19 12.36 1.91
N ALA A 231 -3.66 11.79 3.01
CA ALA A 231 -4.72 12.39 3.80
C ALA A 231 -4.36 12.36 5.27
N LEU A 232 -4.89 13.29 6.04
CA LEU A 232 -4.71 13.28 7.50
C LEU A 232 -6.00 12.83 8.22
N ASP A 233 -5.88 11.78 9.02
CA ASP A 233 -7.02 11.25 9.80
C ASP A 233 -6.87 11.68 11.26
N ILE A 234 -7.92 12.28 11.81
CA ILE A 234 -7.90 12.73 13.22
C ILE A 234 -9.11 12.26 14.00
N SER A 235 -8.88 11.64 15.15
CA SER A 235 -9.98 11.24 16.03
C SER A 235 -9.82 11.60 17.49
N TRP A 236 -10.93 11.91 18.12
CA TRP A 236 -10.95 12.36 19.50
C TRP A 236 -12.22 11.90 20.18
N SER A 237 -12.20 11.96 21.52
CA SER A 237 -13.39 11.81 22.32
C SER A 237 -13.46 12.85 23.45
N PRO A 238 -14.66 13.39 23.74
CA PRO A 238 -15.93 13.12 23.10
C PRO A 238 -16.27 14.21 22.10
N VAL A 239 -17.36 14.03 21.37
CA VAL A 239 -17.82 15.02 20.41
C VAL A 239 -18.81 15.92 21.13
N ASP A 240 -18.65 17.23 21.00
CA ASP A 240 -19.64 18.12 21.60
C ASP A 240 -20.28 19.07 20.60
N GLU A 241 -20.02 18.85 19.31
CA GLU A 241 -20.48 19.77 18.31
C GLU A 241 -20.39 19.11 16.94
N ILE A 242 -21.43 19.25 16.12
CA ILE A 242 -21.35 18.76 14.74
C ILE A 242 -20.47 19.67 13.88
N LEU A 243 -19.51 19.05 13.19
CA LEU A 243 -18.48 19.77 12.45
C LEU A 243 -17.42 20.35 13.38
N GLN A 244 -17.42 19.90 14.62
CA GLN A 244 -16.40 20.32 15.55
C GLN A 244 -15.01 20.14 14.92
N ILE A 245 -14.14 21.14 15.14
CA ILE A 245 -12.77 21.11 14.71
C ILE A 245 -11.96 20.23 15.67
N PRO A 246 -11.34 19.17 15.14
CA PRO A 246 -10.60 18.26 16.02
C PRO A 246 -9.67 19.05 16.96
N PRO A 247 -9.75 18.78 18.28
CA PRO A 247 -8.85 19.48 19.20
C PRO A 247 -7.45 18.91 19.10
N LEU A 248 -6.47 19.64 19.60
CA LEU A 248 -5.07 19.24 19.48
C LEU A 248 -4.70 18.01 20.31
N SER A 249 -5.58 17.65 21.25
CA SER A 249 -5.39 16.45 22.05
C SER A 249 -5.95 15.20 21.34
N SER A 250 -6.49 15.39 20.14
CA SER A 250 -6.95 14.28 19.31
C SER A 250 -5.78 13.36 18.99
N THR A 251 -6.11 12.13 18.60
CA THR A 251 -5.15 11.19 18.07
C THR A 251 -5.16 11.39 16.56
N ALA A 252 -4.01 11.21 15.89
CA ALA A 252 -3.92 11.49 14.44
C ALA A 252 -2.92 10.66 13.70
N THR A 253 -3.18 10.48 12.40
CA THR A 253 -2.23 9.83 11.51
C THR A 253 -2.26 10.43 10.11
N LEU A 254 -1.09 10.40 9.48
CA LEU A 254 -0.95 10.67 8.08
C LEU A 254 -1.19 9.39 7.31
N ASN A 255 -2.22 9.39 6.46
CA ASN A 255 -2.52 8.23 5.63
C ASN A 255 -1.91 8.35 4.24
N ILE A 256 -1.07 7.40 3.88
CA ILE A 256 -0.32 7.48 2.64
C ILE A 256 -0.60 6.27 1.74
N LYS A 257 -1.23 6.53 0.60
CA LYS A 257 -1.63 5.48 -0.33
C LYS A 257 -0.71 5.45 -1.54
N HIS A 269 8.72 9.98 -16.97
CA HIS A 269 10.14 10.27 -16.81
C HIS A 269 10.66 10.24 -15.36
N LEU A 270 10.93 9.05 -14.83
CA LEU A 270 11.79 8.98 -13.64
C LEU A 270 13.17 9.46 -14.07
N TYR A 271 14.01 9.82 -13.11
CA TYR A 271 15.33 10.30 -13.47
C TYR A 271 16.07 9.32 -14.37
N ARG A 272 16.93 9.88 -15.19
CA ARG A 272 17.56 9.21 -16.31
C ARG A 272 18.41 7.96 -15.94
N GLU A 273 19.27 8.10 -14.94
CA GLU A 273 20.17 7.00 -14.50
C GLU A 273 19.42 5.72 -14.12
N LEU A 274 18.35 5.88 -13.35
CA LEU A 274 17.52 4.76 -12.97
C LEU A 274 16.79 4.19 -14.20
N LYS A 275 16.25 5.07 -15.03
CA LYS A 275 15.59 4.65 -16.25
C LYS A 275 16.50 3.83 -17.16
N PHE A 276 17.76 4.26 -17.29
CA PHE A 276 18.76 3.52 -18.07
C PHE A 276 19.02 2.16 -17.45
N LEU A 277 19.20 2.14 -16.13
CA LEU A 277 19.30 0.88 -15.37
C LEU A 277 18.26 -0.14 -15.78
N LEU A 278 16.98 0.27 -15.74
CA LEU A 278 15.87 -0.64 -16.07
C LEU A 278 15.88 -1.07 -17.52
N VAL A 279 16.26 -0.14 -18.41
CA VAL A 279 16.41 -0.42 -19.83
C VAL A 279 17.39 -1.59 -20.03
N LEU A 280 18.56 -1.49 -19.40
CA LEU A 280 19.54 -2.58 -19.42
C LEU A 280 19.00 -3.90 -18.84
N ALA A 281 18.32 -3.78 -17.70
CA ALA A 281 17.75 -4.95 -17.02
C ALA A 281 16.74 -5.67 -17.90
N ASP A 282 15.80 -4.93 -18.51
CA ASP A 282 14.79 -5.52 -19.39
C ASP A 282 15.41 -6.11 -20.65
N GLY A 283 16.40 -5.42 -21.21
CA GLY A 283 17.09 -5.91 -22.40
C GLY A 283 17.68 -7.27 -22.13
N LEU A 284 18.39 -7.36 -21.00
CA LEU A 284 19.02 -8.58 -20.54
C LEU A 284 18.01 -9.72 -20.32
N ARG A 285 16.78 -9.35 -19.98
CA ARG A 285 15.74 -10.33 -19.68
C ARG A 285 15.06 -10.83 -20.95
N THR A 286 14.82 -9.92 -21.89
CA THR A 286 14.05 -10.19 -23.09
C THR A 286 14.87 -10.26 -24.40
N GLY A 287 16.08 -9.70 -24.41
CA GLY A 287 16.86 -9.51 -25.64
C GLY A 287 16.45 -8.29 -26.49
N VAL A 288 15.59 -7.44 -25.96
CA VAL A 288 15.09 -6.26 -26.63
C VAL A 288 15.36 -5.05 -25.75
N THR A 289 16.39 -4.27 -26.09
CA THR A 289 16.80 -3.14 -25.28
C THR A 289 16.27 -1.85 -25.86
N GLU A 290 15.42 -1.16 -25.10
CA GLU A 290 14.86 0.09 -25.55
C GLU A 290 15.79 1.24 -25.18
N TRP A 291 16.97 1.28 -25.81
CA TRP A 291 17.94 2.36 -25.64
C TRP A 291 17.27 3.73 -25.60
N LEU A 292 17.80 4.64 -24.78
CA LEU A 292 17.31 6.02 -24.66
C LEU A 292 18.03 6.93 -25.65
N GLU A 293 17.39 8.03 -26.00
CA GLU A 293 18.03 9.08 -26.77
C GLU A 293 19.22 9.55 -25.95
N PRO A 294 20.39 9.75 -26.59
CA PRO A 294 21.56 10.22 -25.82
C PRO A 294 21.45 11.69 -25.43
N LEU A 295 22.18 12.10 -24.41
CA LEU A 295 22.14 13.47 -23.90
C LEU A 295 23.34 14.26 -24.41
N GLU A 296 24.35 13.52 -24.83
CA GLU A 296 25.65 14.04 -25.10
C GLU A 296 25.83 14.04 -26.63
N ALA A 297 26.51 15.07 -27.15
CA ALA A 297 26.80 15.16 -28.58
C ALA A 297 27.96 14.24 -28.95
N LYS A 298 28.96 14.14 -28.07
CA LYS A 298 29.99 13.12 -28.18
C LYS A 298 29.37 11.73 -28.02
N SER A 299 29.86 10.77 -28.79
CA SER A 299 29.35 9.41 -28.77
C SER A 299 29.91 8.71 -27.54
N ALA A 300 29.30 7.58 -27.17
CA ALA A 300 29.83 6.74 -26.11
C ALA A 300 31.35 6.59 -26.20
N VAL A 301 31.87 6.13 -27.34
CA VAL A 301 33.31 5.92 -27.51
C VAL A 301 34.16 7.19 -27.31
N GLU A 302 33.73 8.31 -27.87
CA GLU A 302 34.51 9.51 -27.72
C GLU A 302 34.63 9.86 -26.25
N LEU A 303 33.48 9.95 -25.57
CA LEU A 303 33.43 10.21 -24.13
C LEU A 303 34.35 9.29 -23.36
N VAL A 304 34.42 8.02 -23.76
CA VAL A 304 35.25 7.07 -23.06
C VAL A 304 36.74 7.27 -23.38
N GLN A 305 37.05 7.41 -24.66
CA GLN A 305 38.42 7.71 -25.08
C GLN A 305 38.91 8.99 -24.40
N GLU A 306 38.08 10.02 -24.42
CA GLU A 306 38.40 11.28 -23.79
C GLU A 306 38.64 11.11 -22.29
N PHE A 307 37.80 10.31 -21.65
CA PHE A 307 37.98 9.97 -20.25
C PHE A 307 39.34 9.33 -20.05
N LEU A 308 39.67 8.38 -20.92
CA LEU A 308 40.93 7.63 -20.83
C LEU A 308 42.15 8.53 -21.05
N ASN A 309 42.05 9.44 -22.02
CA ASN A 309 43.13 10.40 -22.32
C ASN A 309 43.52 11.19 -21.08
N ASP A 310 42.50 11.71 -20.39
CA ASP A 310 42.66 12.50 -19.17
C ASP A 310 43.33 11.74 -18.05
N LEU A 311 43.10 10.45 -17.98
CA LEU A 311 43.66 9.64 -16.91
C LEU A 311 45.09 9.19 -17.19
N ASN A 312 45.52 9.32 -18.44
CA ASN A 312 46.88 8.97 -18.82
C ASN A 312 47.84 10.13 -18.59
N LYS A 313 47.37 11.34 -18.95
CA LYS A 313 47.99 12.59 -18.53
C LYS A 313 48.01 12.66 -16.99
N LEU A 314 48.99 11.98 -16.40
CA LEU A 314 49.08 11.72 -14.94
C LEU A 314 47.80 11.11 -14.35
N LEU B 5 18.53 22.05 0.84
CA LEU B 5 19.34 21.48 -0.27
C LEU B 5 20.12 20.26 0.23
N PHE B 6 19.72 19.07 -0.21
CA PHE B 6 20.33 17.81 0.20
C PHE B 6 21.71 17.68 -0.43
N LYS B 7 22.61 16.93 0.19
CA LYS B 7 23.98 16.87 -0.28
C LYS B 7 24.13 15.78 -1.33
N VAL B 8 24.62 16.17 -2.51
CA VAL B 8 24.81 15.25 -3.62
C VAL B 8 26.08 14.47 -3.40
N ARG B 9 26.04 13.16 -3.64
CA ARG B 9 27.25 12.34 -3.61
C ARG B 9 28.13 12.63 -4.84
N SER B 10 29.18 13.43 -4.64
CA SER B 10 30.11 13.78 -5.73
C SER B 10 31.45 13.04 -5.72
N ASP B 11 31.73 12.29 -4.65
CA ASP B 11 33.00 11.55 -4.52
C ASP B 11 33.01 10.28 -5.40
N LEU B 12 32.84 10.45 -6.70
CA LEU B 12 32.60 9.32 -7.59
C LEU B 12 33.89 8.69 -8.05
N ASP B 13 33.97 7.37 -8.03
CA ASP B 13 35.19 6.71 -8.46
C ASP B 13 35.13 6.41 -9.96
N PHE B 14 36.26 5.91 -10.49
CA PHE B 14 36.37 5.55 -11.92
C PHE B 14 35.13 4.84 -12.50
N ALA B 15 34.65 3.81 -11.80
CA ALA B 15 33.54 2.99 -12.29
C ALA B 15 32.27 3.79 -12.30
N GLU B 16 32.12 4.63 -11.30
CA GLU B 16 30.95 5.48 -11.18
C GLU B 16 30.91 6.58 -12.22
N GLN B 17 32.07 7.16 -12.54
CA GLN B 17 32.16 8.21 -13.58
C GLN B 17 31.92 7.62 -14.95
N LEU B 18 32.35 6.37 -15.11
CA LEU B 18 32.15 5.60 -16.31
C LEU B 18 30.68 5.39 -16.55
N TRP B 19 29.98 5.00 -15.49
CA TRP B 19 28.57 4.75 -15.52
C TRP B 19 27.82 6.00 -15.96
N CYS B 20 28.15 7.14 -15.35
CA CYS B 20 27.50 8.43 -15.66
C CYS B 20 27.66 8.84 -17.11
N LYS B 21 28.87 8.68 -17.62
CA LYS B 21 29.19 8.96 -19.00
C LYS B 21 28.46 8.06 -20.00
N MET B 22 28.48 6.75 -19.71
CA MET B 22 27.93 5.74 -20.61
C MET B 22 26.42 5.75 -20.53
N SER B 23 25.90 6.11 -19.36
CA SER B 23 24.46 6.16 -19.19
C SER B 23 23.83 7.34 -19.95
N SER B 24 24.61 8.37 -20.24
CA SER B 24 24.06 9.46 -21.04
C SER B 24 24.35 9.38 -22.53
N SER B 25 25.06 8.34 -22.98
CA SER B 25 25.49 8.27 -24.38
C SER B 25 25.27 6.95 -25.12
N VAL B 26 25.43 5.83 -24.43
CA VAL B 26 25.31 4.50 -25.04
C VAL B 26 23.95 4.31 -25.70
N ILE B 27 23.96 3.92 -26.98
CA ILE B 27 22.72 3.72 -27.74
C ILE B 27 22.59 2.36 -28.44
N SER B 28 23.47 1.43 -28.12
CA SER B 28 23.49 0.11 -28.77
C SER B 28 24.43 -0.85 -28.05
N TYR B 29 24.31 -2.13 -28.36
CA TYR B 29 25.19 -3.16 -27.84
C TYR B 29 26.63 -2.87 -28.22
N GLN B 30 26.86 -2.55 -29.49
CA GLN B 30 28.21 -2.35 -29.98
C GLN B 30 28.89 -1.19 -29.27
N ASP B 31 28.10 -0.17 -28.90
CA ASP B 31 28.62 0.85 -27.99
C ASP B 31 29.28 0.19 -26.77
N LEU B 32 28.59 -0.76 -26.14
CA LEU B 32 29.13 -1.38 -24.92
C LEU B 32 30.41 -2.16 -25.17
N VAL B 33 30.44 -2.91 -26.27
CA VAL B 33 31.62 -3.70 -26.62
C VAL B 33 32.82 -2.77 -26.82
N LYS B 34 32.62 -1.69 -27.57
CA LYS B 34 33.71 -0.76 -27.89
C LYS B 34 34.17 0.01 -26.66
N CYS B 35 33.24 0.48 -25.85
CA CYS B 35 33.62 1.16 -24.63
C CYS B 35 34.40 0.25 -23.70
N PHE B 36 33.92 -0.96 -23.47
CA PHE B 36 34.64 -1.87 -22.59
C PHE B 36 35.93 -2.37 -23.20
N THR B 37 35.99 -2.45 -24.53
CA THR B 37 37.25 -2.86 -25.17
C THR B 37 38.34 -1.84 -24.90
N LEU B 38 38.01 -0.55 -25.00
CA LEU B 38 38.99 0.50 -24.77
C LEU B 38 39.54 0.49 -23.36
N ILE B 39 38.66 0.27 -22.38
CA ILE B 39 39.03 0.25 -20.96
C ILE B 39 39.91 -0.95 -20.62
N ILE B 40 39.55 -2.13 -21.11
CA ILE B 40 40.31 -3.34 -20.86
C ILE B 40 41.73 -3.28 -21.47
N GLN B 41 41.82 -2.79 -22.71
CA GLN B 41 43.11 -2.57 -23.38
C GLN B 41 43.92 -1.50 -22.66
N SER B 42 43.24 -0.46 -22.19
CA SER B 42 43.91 0.60 -21.45
C SER B 42 44.50 0.00 -20.19
N LEU B 43 43.82 -1.00 -19.64
CA LEU B 43 44.29 -1.71 -18.44
C LEU B 43 45.41 -2.72 -18.69
N GLN B 44 45.26 -3.52 -19.75
CA GLN B 44 46.28 -4.50 -20.10
C GLN B 44 47.57 -3.82 -20.55
N ARG B 45 47.43 -2.67 -21.19
CA ARG B 45 48.56 -1.85 -21.60
C ARG B 45 49.15 -1.16 -20.37
N GLY B 46 48.41 -1.21 -19.26
CA GLY B 46 48.82 -0.60 -18.00
C GLY B 46 48.85 0.92 -17.99
N ASP B 47 48.24 1.53 -19.01
CA ASP B 47 48.23 2.99 -19.19
C ASP B 47 47.48 3.82 -18.12
N ILE B 48 46.68 3.16 -17.28
CA ILE B 48 45.89 3.86 -16.24
C ILE B 48 45.86 3.10 -14.92
N GLN B 49 45.75 3.85 -13.83
CA GLN B 49 45.64 3.29 -12.48
C GLN B 49 44.45 3.93 -11.80
N PRO B 50 43.27 3.31 -11.95
CA PRO B 50 42.05 3.92 -11.44
C PRO B 50 41.80 3.58 -9.97
N TRP B 51 41.11 4.47 -9.26
CA TRP B 51 40.74 4.19 -7.87
C TRP B 51 39.29 3.72 -7.80
N LEU B 52 39.03 2.81 -6.88
CA LEU B 52 37.71 2.30 -6.62
C LEU B 52 37.38 2.45 -5.14
N HIS B 53 36.13 2.80 -4.85
CA HIS B 53 35.61 2.65 -3.51
C HIS B 53 35.62 1.17 -3.17
N SER B 54 36.03 0.84 -1.94
CA SER B 54 36.09 -0.56 -1.51
C SER B 54 34.72 -1.25 -1.54
N GLY B 55 34.74 -2.58 -1.65
CA GLY B 55 33.54 -3.40 -1.51
C GLY B 55 32.58 -3.30 -2.68
N SER B 56 33.00 -3.80 -3.83
CA SER B 56 32.17 -3.93 -5.01
C SER B 56 32.43 -5.30 -5.60
N ASN B 57 31.36 -6.02 -5.94
CA ASN B 57 31.50 -7.32 -6.61
C ASN B 57 31.28 -7.28 -8.14
N SER B 58 31.46 -6.10 -8.75
CA SER B 58 31.37 -5.97 -10.21
C SER B 58 32.55 -6.63 -10.93
N LEU B 59 32.27 -7.20 -12.11
CA LEU B 59 33.31 -7.78 -12.96
C LEU B 59 34.42 -6.78 -13.24
N LEU B 60 34.05 -5.53 -13.48
CA LEU B 60 35.00 -4.48 -13.79
C LEU B 60 36.00 -4.22 -12.66
N SER B 61 35.51 -4.10 -11.42
CA SER B 61 36.38 -3.90 -10.26
C SER B 61 37.36 -5.05 -10.11
N LYS B 62 36.85 -6.26 -10.21
CA LYS B 62 37.67 -7.47 -10.23
C LYS B 62 38.79 -7.29 -11.25
N LEU B 63 38.41 -6.99 -12.48
CA LEU B 63 39.38 -6.80 -13.56
C LEU B 63 40.35 -5.66 -13.35
N ILE B 64 40.01 -4.72 -12.44
CA ILE B 64 40.90 -3.60 -12.10
C ILE B 64 41.93 -3.99 -11.05
N HIS B 65 41.48 -4.66 -9.99
CA HIS B 65 42.37 -5.22 -8.97
C HIS B 65 43.44 -6.09 -9.63
N GLN B 66 42.99 -6.98 -10.52
CA GLN B 66 43.88 -7.84 -11.29
C GLN B 66 44.85 -7.07 -12.17
N SER B 67 44.48 -5.86 -12.55
CA SER B 67 45.39 -5.03 -13.34
C SER B 67 46.47 -4.39 -12.46
N TYR B 68 46.08 -3.94 -11.26
CA TYR B 68 47.01 -3.27 -10.34
C TYR B 68 47.96 -4.25 -9.65
N HIS B 69 47.39 -5.12 -8.80
CA HIS B 69 48.15 -6.17 -8.11
C HIS B 69 48.15 -7.47 -8.93
N GLY B 70 48.94 -7.51 -10.01
CA GLY B 70 49.08 -8.71 -10.86
C GLY B 70 48.77 -8.51 -12.33
N THR B 71 48.07 -9.47 -12.94
CA THR B 71 47.60 -9.38 -14.34
C THR B 71 46.21 -10.00 -14.54
N MET B 72 45.52 -9.54 -15.58
CA MET B 72 44.07 -9.72 -15.75
C MET B 72 43.62 -10.96 -16.51
N ASP B 73 42.36 -11.32 -16.31
CA ASP B 73 41.67 -12.38 -17.06
C ASP B 73 41.43 -12.03 -18.53
N THR B 74 41.37 -13.05 -19.38
CA THR B 74 40.91 -12.86 -20.75
C THR B 74 39.38 -12.87 -20.72
N VAL B 75 38.82 -11.66 -20.64
CA VAL B 75 37.40 -11.46 -20.41
C VAL B 75 36.52 -12.03 -21.52
N SER B 76 36.80 -11.61 -22.75
CA SER B 76 35.92 -11.86 -23.89
C SER B 76 34.55 -11.20 -23.66
N LEU B 77 34.37 -10.07 -24.35
CA LEU B 77 33.17 -9.25 -24.25
C LEU B 77 32.10 -9.71 -25.23
N SER B 78 31.66 -10.96 -25.06
CA SER B 78 30.68 -11.58 -25.95
C SER B 78 29.36 -11.85 -25.19
N GLY B 79 28.33 -12.29 -25.92
CA GLY B 79 27.01 -12.50 -25.35
C GLY B 79 26.55 -11.29 -24.56
N THR B 80 26.05 -11.50 -23.35
CA THR B 80 25.43 -10.44 -22.57
C THR B 80 26.36 -9.84 -21.54
N ILE B 81 27.60 -10.30 -21.52
CA ILE B 81 28.62 -9.80 -20.60
C ILE B 81 28.82 -8.27 -20.59
N PRO B 82 28.83 -7.61 -21.78
CA PRO B 82 28.98 -6.16 -21.78
C PRO B 82 27.78 -5.43 -21.19
N VAL B 83 26.60 -6.00 -21.34
CA VAL B 83 25.40 -5.46 -20.69
C VAL B 83 25.54 -5.65 -19.17
N GLN B 84 25.56 -6.90 -18.74
CA GLN B 84 25.92 -7.26 -17.38
C GLN B 84 26.91 -6.28 -16.76
N MET B 85 28.05 -6.10 -17.42
CA MET B 85 29.10 -5.23 -16.89
C MET B 85 28.63 -3.81 -16.57
N LEU B 86 27.93 -3.18 -17.51
CA LEU B 86 27.41 -1.83 -17.25
C LEU B 86 26.34 -1.85 -16.16
N LEU B 87 25.51 -2.91 -16.14
CA LEU B 87 24.44 -3.06 -15.15
C LEU B 87 25.01 -3.13 -13.73
N GLU B 88 26.10 -3.86 -13.58
CA GLU B 88 26.77 -3.99 -12.28
C GLU B 88 27.25 -2.64 -11.76
N ILE B 89 28.04 -1.95 -12.59
CA ILE B 89 28.53 -0.59 -12.37
C ILE B 89 27.42 0.40 -11.99
N GLY B 90 26.29 0.31 -12.70
CA GLY B 90 25.12 1.11 -12.38
C GLY B 90 24.50 0.80 -11.02
N LEU B 91 24.39 -0.48 -10.70
CA LEU B 91 23.83 -0.92 -9.43
C LEU B 91 24.61 -0.43 -8.23
N ASP B 92 25.93 -0.61 -8.27
CA ASP B 92 26.83 -0.17 -7.21
C ASP B 92 26.65 1.30 -6.98
N LYS B 93 26.75 2.06 -8.07
CA LYS B 93 26.76 3.50 -8.00
C LYS B 93 25.40 3.99 -7.48
N LEU B 94 24.32 3.37 -7.93
CA LEU B 94 23.01 3.79 -7.48
C LEU B 94 22.73 3.37 -6.03
N LYS B 95 23.16 2.17 -5.66
CA LYS B 95 23.00 1.72 -4.28
C LYS B 95 23.71 2.70 -3.35
N LYS B 96 24.91 3.12 -3.76
CA LYS B 96 25.67 4.06 -2.96
C LYS B 96 25.04 5.45 -2.88
N ASP B 97 24.35 5.87 -3.94
CA ASP B 97 23.57 7.11 -3.88
C ASP B 97 22.50 7.02 -2.78
N TYR B 98 21.75 5.91 -2.77
CA TYR B 98 20.64 5.72 -1.83
C TYR B 98 21.12 5.61 -0.39
N ILE B 99 22.16 4.81 -0.18
CA ILE B 99 22.80 4.69 1.13
C ILE B 99 23.13 6.07 1.66
N SER B 100 23.80 6.87 0.84
CA SER B 100 24.27 8.17 1.30
C SER B 100 23.11 9.13 1.57
N PHE B 101 22.02 9.00 0.82
CA PHE B 101 20.85 9.77 1.19
C PHE B 101 20.32 9.35 2.58
N PHE B 102 20.03 8.07 2.75
CA PHE B 102 19.36 7.61 3.95
C PHE B 102 20.23 7.67 5.20
N ILE B 103 21.49 7.24 5.10
CA ILE B 103 22.42 7.40 6.23
C ILE B 103 22.61 8.88 6.54
N GLY B 104 22.96 9.65 5.53
CA GLY B 104 23.27 11.06 5.68
C GLY B 104 22.14 11.86 6.29
N GLN B 105 20.90 11.50 5.99
CA GLN B 105 19.75 12.23 6.57
C GLN B 105 19.31 11.63 7.91
N GLU B 106 19.96 10.54 8.29
CA GLU B 106 19.68 9.82 9.55
C GLU B 106 18.27 9.25 9.51
N LEU B 107 17.92 8.65 8.39
CA LEU B 107 16.61 8.07 8.23
C LEU B 107 16.71 6.58 8.42
N ALA B 108 17.92 6.05 8.21
CA ALA B 108 18.18 4.63 8.40
C ALA B 108 19.67 4.32 8.57
N SER B 109 19.95 3.15 9.12
CA SER B 109 21.33 2.71 9.26
C SER B 109 21.67 1.76 8.12
N LEU B 110 22.96 1.63 7.82
CA LEU B 110 23.44 0.61 6.90
C LEU B 110 22.76 -0.72 7.22
N ASN B 111 22.68 -1.05 8.51
CA ASN B 111 22.11 -2.34 8.93
C ASN B 111 20.68 -2.51 8.44
N HIS B 112 19.82 -1.53 8.76
CA HIS B 112 18.47 -1.42 8.21
C HIS B 112 18.36 -1.72 6.70
N LEU B 113 19.30 -1.21 5.91
CA LEU B 113 19.16 -1.29 4.46
C LEU B 113 19.63 -2.60 3.81
N GLU B 114 20.26 -3.47 4.61
CA GLU B 114 21.00 -4.64 4.10
C GLU B 114 20.28 -5.42 3.01
N TYR B 115 18.98 -5.66 3.23
CA TYR B 115 18.13 -6.40 2.29
C TYR B 115 18.15 -5.80 0.89
N PHE B 116 18.11 -4.47 0.80
CA PHE B 116 18.04 -3.74 -0.47
C PHE B 116 19.39 -3.70 -1.17
N ILE B 117 20.44 -3.87 -0.36
CA ILE B 117 21.84 -3.73 -0.75
C ILE B 117 22.43 -5.06 -1.22
N ALA B 118 21.79 -6.15 -0.81
CA ALA B 118 22.32 -7.52 -0.91
C ALA B 118 23.08 -7.88 -2.20
N PRO B 119 24.32 -8.39 -2.07
CA PRO B 119 25.14 -8.89 -3.20
C PRO B 119 24.79 -10.31 -3.70
N SER B 120 24.35 -11.17 -2.78
CA SER B 120 24.12 -12.60 -3.06
C SER B 120 22.98 -12.88 -4.06
N VAL B 121 21.87 -12.17 -3.95
CA VAL B 121 20.72 -12.36 -4.85
C VAL B 121 21.05 -12.06 -6.31
N ASP B 122 20.26 -12.64 -7.22
CA ASP B 122 20.50 -12.52 -8.66
C ASP B 122 20.31 -11.07 -9.16
N ILE B 123 20.90 -10.78 -10.32
CA ILE B 123 20.93 -9.40 -10.84
C ILE B 123 19.57 -8.71 -11.03
N GLN B 124 18.55 -9.47 -11.45
CA GLN B 124 17.20 -8.90 -11.60
C GLN B 124 16.55 -8.60 -10.26
N GLU B 125 16.87 -9.41 -9.27
CA GLU B 125 16.40 -9.17 -7.91
C GLU B 125 17.12 -7.94 -7.32
N GLN B 126 18.42 -7.81 -7.53
CA GLN B 126 19.11 -6.57 -7.11
C GLN B 126 18.47 -5.33 -7.74
N VAL B 127 18.19 -5.38 -9.04
CA VAL B 127 17.58 -4.24 -9.72
C VAL B 127 16.25 -3.93 -9.06
N TYR B 128 15.42 -4.97 -8.93
CA TYR B 128 14.11 -4.85 -8.31
C TYR B 128 14.17 -4.19 -6.94
N ARG B 129 15.22 -4.49 -6.18
CA ARG B 129 15.37 -3.91 -4.83
C ARG B 129 15.81 -2.45 -4.86
N VAL B 130 16.64 -2.09 -5.84
CA VAL B 130 16.88 -0.66 -6.10
C VAL B 130 15.57 0.09 -6.37
N GLN B 131 14.66 -0.50 -7.15
CA GLN B 131 13.34 0.14 -7.40
C GLN B 131 12.52 0.31 -6.13
N LYS B 132 12.68 -0.60 -5.17
CA LYS B 132 12.01 -0.46 -3.88
C LYS B 132 12.61 0.71 -3.11
N LEU B 133 13.93 0.79 -3.08
CA LEU B 133 14.58 1.96 -2.48
C LEU B 133 14.07 3.24 -3.13
N HIS B 134 14.03 3.27 -4.47
CA HIS B 134 13.51 4.47 -5.10
C HIS B 134 12.07 4.78 -4.67
N HIS B 135 11.23 3.75 -4.63
CA HIS B 135 9.82 3.96 -4.30
C HIS B 135 9.65 4.51 -2.88
N ILE B 136 10.54 4.11 -1.97
CA ILE B 136 10.64 4.69 -0.63
C ILE B 136 10.97 6.20 -0.66
N LEU B 137 11.92 6.59 -1.52
CA LEU B 137 12.24 8.01 -1.69
C LEU B 137 11.06 8.79 -2.23
N GLU B 138 10.32 8.19 -3.15
CA GLU B 138 9.15 8.86 -3.72
C GLU B 138 8.14 9.12 -2.64
N ILE B 139 7.99 8.18 -1.71
CA ILE B 139 6.99 8.33 -0.67
C ILE B 139 7.41 9.50 0.18
N LEU B 140 8.66 9.47 0.65
CA LEU B 140 9.24 10.56 1.42
C LEU B 140 9.08 11.93 0.76
N VAL B 141 9.46 12.01 -0.51
CA VAL B 141 9.33 13.26 -1.25
C VAL B 141 7.87 13.73 -1.26
N SER B 142 6.92 12.81 -1.47
CA SER B 142 5.48 13.12 -1.42
C SER B 142 5.02 13.80 -0.12
N CYS B 143 5.57 13.36 1.01
CA CYS B 143 5.15 13.83 2.33
C CYS B 143 5.93 15.06 2.81
N MET B 144 7.15 15.25 2.31
CA MET B 144 8.00 16.33 2.78
C MET B 144 7.32 17.68 3.01
N PRO B 145 6.47 18.14 2.05
CA PRO B 145 5.78 19.43 2.24
C PRO B 145 4.93 19.50 3.49
N PHE B 146 4.57 18.36 4.06
CA PHE B 146 3.61 18.31 5.14
C PHE B 146 4.24 17.98 6.47
N ILE B 147 5.32 17.22 6.44
CA ILE B 147 6.04 16.86 7.64
C ILE B 147 7.40 17.54 7.52
N LYS B 148 7.30 18.85 7.28
CA LYS B 148 8.45 19.71 7.06
C LYS B 148 9.18 19.84 8.38
N SER B 149 10.45 19.42 8.39
CA SER B 149 11.33 19.60 9.54
C SER B 149 10.89 18.77 10.75
N GLN B 150 10.25 17.63 10.47
CA GLN B 150 9.89 16.71 11.52
C GLN B 150 10.70 15.46 11.26
N HIS B 151 11.93 15.50 11.76
CA HIS B 151 12.87 14.45 11.46
C HIS B 151 12.40 13.08 11.96
N GLU B 152 11.71 13.05 13.09
CA GLU B 152 11.23 11.77 13.63
C GLU B 152 10.10 11.22 12.77
N LEU B 153 9.25 12.11 12.24
CA LEU B 153 8.18 11.69 11.33
C LEU B 153 8.80 11.11 10.05
N LEU B 154 9.76 11.85 9.50
CA LEU B 154 10.55 11.39 8.36
C LEU B 154 11.23 10.07 8.66
N PHE B 155 11.80 9.96 9.86
CA PHE B 155 12.49 8.76 10.30
C PHE B 155 11.55 7.56 10.38
N SER B 156 10.41 7.70 11.07
CA SER B 156 9.49 6.58 11.28
C SER B 156 8.95 6.10 9.95
N LEU B 157 8.52 7.05 9.12
CA LEU B 157 7.99 6.78 7.78
C LEU B 157 8.98 5.92 7.01
N THR B 158 10.24 6.35 6.98
CA THR B 158 11.31 5.55 6.36
C THR B 158 11.37 4.16 6.96
N GLN B 159 11.32 4.07 8.29
CA GLN B 159 11.30 2.75 8.98
C GLN B 159 10.10 1.88 8.62
N ILE B 160 8.88 2.40 8.67
CA ILE B 160 7.74 1.57 8.30
C ILE B 160 7.76 1.17 6.81
N CYS B 161 8.28 2.04 5.96
CA CYS B 161 8.44 1.70 4.55
C CYS B 161 9.44 0.56 4.37
N ILE B 162 10.58 0.65 5.04
CA ILE B 162 11.60 -0.41 4.97
C ILE B 162 11.03 -1.74 5.42
N LYS B 163 10.30 -1.70 6.55
CA LYS B 163 9.66 -2.89 7.11
C LYS B 163 8.70 -3.48 6.12
N TYR B 164 7.85 -2.65 5.53
CA TYR B 164 6.92 -3.13 4.54
C TYR B 164 7.60 -3.78 3.31
N TYR B 165 8.63 -3.11 2.77
CA TYR B 165 9.17 -3.53 1.48
C TYR B 165 10.16 -4.68 1.52
N LYS B 166 10.59 -5.07 2.70
CA LYS B 166 11.37 -6.30 2.84
C LYS B 166 10.48 -7.54 2.68
N GLN B 167 9.22 -7.40 3.07
CA GLN B 167 8.26 -8.50 3.11
C GLN B 167 7.30 -8.52 1.90
N ASN B 168 7.18 -7.40 1.19
CA ASN B 168 6.12 -7.24 0.19
C ASN B 168 6.58 -6.78 -1.18
N PRO B 169 5.84 -7.17 -2.22
CA PRO B 169 6.15 -6.71 -3.57
C PRO B 169 5.79 -5.23 -3.80
N LEU B 170 6.38 -4.66 -4.84
CA LEU B 170 6.23 -3.25 -5.18
C LEU B 170 4.83 -2.87 -5.67
N ASP B 171 4.12 -3.81 -6.29
CA ASP B 171 2.85 -3.50 -6.98
C ASP B 171 1.57 -3.47 -6.12
N GLU B 172 1.65 -3.85 -4.85
CA GLU B 172 0.46 -3.92 -4.00
C GLU B 172 -0.08 -2.55 -3.58
N GLN B 173 -1.40 -2.40 -3.66
CA GLN B 173 -2.08 -1.25 -3.08
C GLN B 173 -1.95 -1.34 -1.57
N HIS B 174 -1.44 -0.29 -0.94
CA HIS B 174 -1.18 -0.32 0.49
C HIS B 174 -1.25 1.09 1.07
N ILE B 175 -1.86 1.21 2.24
CA ILE B 175 -1.91 2.49 2.93
C ILE B 175 -0.96 2.46 4.11
N PHE B 176 0.00 3.38 4.10
CA PHE B 176 0.94 3.56 5.20
C PHE B 176 0.32 4.47 6.21
N GLN B 177 0.50 4.14 7.47
CA GLN B 177 -0.06 4.97 8.53
C GLN B 177 1.06 5.51 9.37
N LEU B 178 1.11 6.83 9.45
CA LEU B 178 2.14 7.52 10.19
C LEU B 178 1.51 8.34 11.30
N PRO B 179 1.67 7.90 12.55
CA PRO B 179 1.16 8.62 13.70
C PRO B 179 1.82 9.97 13.77
N VAL B 180 1.01 11.01 13.93
CA VAL B 180 1.47 12.37 14.00
C VAL B 180 0.71 13.10 15.12
N ARG B 181 1.41 13.95 15.87
CA ARG B 181 0.80 14.81 16.88
C ARG B 181 0.08 15.95 16.15
N PRO B 182 -1.21 16.20 16.48
CA PRO B 182 -1.96 17.31 15.88
C PRO B 182 -1.25 18.67 15.89
N THR B 183 -0.42 18.96 16.89
CA THR B 183 0.35 20.22 16.91
C THR B 183 1.29 20.27 15.72
N ALA B 184 2.04 19.18 15.49
CA ALA B 184 2.97 19.05 14.37
C ALA B 184 2.31 19.22 13.00
N VAL B 185 0.99 19.40 12.99
CA VAL B 185 0.22 19.32 11.75
C VAL B 185 -0.95 20.30 11.77
N LYS B 186 -1.01 21.08 12.85
CA LYS B 186 -2.04 22.10 13.12
C LYS B 186 -2.51 22.92 11.93
N ASN B 187 -1.55 23.47 11.19
CA ASN B 187 -1.83 24.48 10.17
C ASN B 187 -2.50 23.86 8.96
N LEU B 188 -2.31 22.55 8.83
CA LEU B 188 -2.84 21.83 7.69
C LEU B 188 -4.32 21.47 7.83
N TYR B 189 -4.89 21.60 9.02
CA TYR B 189 -6.29 21.19 9.21
C TYR B 189 -7.21 22.17 9.93
N GLN B 190 -6.65 22.93 10.87
CA GLN B 190 -7.45 23.73 11.82
C GLN B 190 -8.40 24.77 11.22
N SER B 191 -8.03 25.35 10.08
CA SER B 191 -8.86 26.34 9.39
C SER B 191 -9.39 25.70 8.13
N GLU B 192 -9.11 24.41 7.96
CA GLU B 192 -9.49 23.72 6.74
C GLU B 192 -10.86 23.07 6.85
N LYS B 193 -11.59 23.02 5.73
CA LYS B 193 -12.84 22.27 5.66
C LYS B 193 -12.57 20.80 5.36
N PRO B 194 -12.94 19.88 6.26
CA PRO B 194 -12.60 18.45 6.17
C PRO B 194 -13.31 17.76 5.01
N GLN B 195 -12.66 16.75 4.44
CA GLN B 195 -13.25 16.01 3.32
C GLN B 195 -14.29 15.01 3.83
N LYS B 196 -14.17 14.67 5.11
CA LYS B 196 -15.21 13.97 5.81
C LYS B 196 -15.18 14.24 7.30
N TRP B 197 -16.38 14.31 7.88
CA TRP B 197 -16.57 14.52 9.30
C TRP B 197 -17.56 13.47 9.81
N ARG B 198 -17.16 12.77 10.86
CA ARG B 198 -17.88 11.60 11.31
C ARG B 198 -18.05 11.60 12.81
N VAL B 199 -19.31 11.47 13.24
CA VAL B 199 -19.60 11.19 14.66
C VAL B 199 -20.19 9.80 14.86
N GLU B 200 -19.61 9.10 15.82
CA GLU B 200 -19.99 7.76 16.16
C GLU B 200 -20.47 7.79 17.60
N ILE B 201 -21.69 7.30 17.81
CA ILE B 201 -22.29 7.24 19.14
C ILE B 201 -22.45 5.78 19.57
N TYR B 202 -21.90 5.46 20.73
CA TYR B 202 -21.94 4.12 21.30
C TYR B 202 -21.95 4.25 22.83
N SER B 203 -21.87 3.11 23.52
CA SER B 203 -21.94 3.07 24.99
C SER B 203 -21.51 1.71 25.54
N GLY B 204 -20.26 1.61 26.02
CA GLY B 204 -19.74 0.36 26.59
C GLY B 204 -19.70 -0.79 25.60
N GLN B 205 -20.88 -1.26 25.20
CA GLN B 205 -21.03 -2.09 24.01
C GLN B 205 -20.54 -1.33 22.76
N LYS B 206 -19.21 -1.28 22.60
CA LYS B 206 -18.53 -0.50 21.55
C LYS B 206 -18.80 -1.00 20.12
N LYS B 207 -19.33 -2.21 20.02
CA LYS B 207 -19.77 -2.77 18.75
C LYS B 207 -21.06 -2.09 18.33
N ILE B 208 -21.90 -1.74 19.30
CA ILE B 208 -23.22 -1.18 19.05
C ILE B 208 -23.07 0.33 18.89
N LYS B 209 -23.48 0.84 17.72
CA LYS B 209 -23.18 2.21 17.36
C LYS B 209 -24.19 2.85 16.44
N THR B 210 -24.26 4.17 16.50
CA THR B 210 -24.91 4.94 15.44
C THR B 210 -23.91 5.91 14.88
N VAL B 211 -23.80 5.95 13.56
CA VAL B 211 -22.75 6.72 12.91
C VAL B 211 -23.31 7.67 11.87
N TRP B 212 -23.01 8.96 12.01
CA TRP B 212 -23.34 9.95 10.99
C TRP B 212 -22.05 10.54 10.41
N GLN B 213 -22.02 10.65 9.08
CA GLN B 213 -20.84 11.19 8.41
C GLN B 213 -21.19 12.12 7.24
N LEU B 214 -20.45 13.22 7.15
CA LEU B 214 -20.53 14.12 6.02
C LEU B 214 -19.26 14.04 5.18
N SER B 215 -19.41 14.01 3.86
CA SER B 215 -18.28 13.87 2.94
C SER B 215 -18.48 14.80 1.75
N ASP B 216 -17.40 15.30 1.17
CA ASP B 216 -17.55 16.03 -0.11
C ASP B 216 -17.43 15.19 -1.37
N SER B 217 -17.36 13.88 -1.22
CA SER B 217 -17.51 12.96 -2.35
C SER B 217 -18.09 11.64 -1.83
N SER B 218 -18.45 10.73 -2.74
CA SER B 218 -19.08 9.50 -2.29
C SER B 218 -18.16 8.63 -1.45
N PRO B 219 -18.60 8.31 -0.22
CA PRO B 219 -17.79 7.43 0.62
C PRO B 219 -17.99 5.95 0.23
N ILE B 220 -18.84 5.70 -0.77
CA ILE B 220 -19.18 4.35 -1.20
C ILE B 220 -18.79 4.19 -2.66
N ASP B 221 -17.80 3.33 -2.93
CA ASP B 221 -17.26 3.19 -4.28
C ASP B 221 -18.22 2.53 -5.25
N HIS B 222 -19.09 1.67 -4.75
CA HIS B 222 -19.99 0.94 -5.64
C HIS B 222 -21.30 1.68 -5.84
N LEU B 223 -21.50 2.76 -5.10
CA LEU B 223 -22.74 3.49 -5.19
C LEU B 223 -22.78 4.17 -6.54
N ASN B 224 -23.85 3.89 -7.29
CA ASN B 224 -24.02 4.43 -8.62
C ASN B 224 -25.03 5.57 -8.56
N PHE B 225 -24.55 6.82 -8.66
CA PHE B 225 -25.44 7.98 -8.51
C PHE B 225 -26.23 8.40 -9.75
N HIS B 226 -25.96 7.73 -10.88
CA HIS B 226 -26.67 7.95 -12.16
C HIS B 226 -26.91 9.41 -12.52
N ARG B 242 -22.98 22.97 -5.04
CA ARG B 242 -22.17 22.10 -4.19
C ARG B 242 -23.01 20.95 -3.64
N ILE B 243 -22.57 19.73 -3.92
CA ILE B 243 -23.23 18.53 -3.41
C ILE B 243 -22.52 17.98 -2.16
N PHE B 244 -23.33 17.70 -1.14
CA PHE B 244 -22.84 17.03 0.07
C PHE B 244 -23.30 15.57 0.10
N PHE B 245 -22.42 14.71 0.58
CA PHE B 245 -22.74 13.31 0.75
C PHE B 245 -22.89 13.06 2.21
N THR B 246 -24.00 12.43 2.53
CA THR B 246 -24.34 12.10 3.88
C THR B 246 -24.55 10.58 3.93
N ASN B 247 -24.12 9.95 5.01
CA ASN B 247 -24.37 8.52 5.14
C ASN B 247 -24.56 8.16 6.59
N MET B 248 -25.31 7.10 6.84
CA MET B 248 -25.47 6.64 8.21
C MET B 248 -25.31 5.16 8.39
N VAL B 249 -24.86 4.81 9.60
CA VAL B 249 -24.66 3.43 9.98
C VAL B 249 -25.49 3.21 11.24
N THR B 250 -26.44 2.28 11.14
CA THR B 250 -27.26 1.89 12.27
C THR B 250 -27.20 0.38 12.36
N CYS B 251 -27.49 -0.13 13.55
CA CYS B 251 -27.43 -1.56 13.78
C CYS B 251 -28.56 -2.09 14.64
N SER B 252 -28.67 -3.42 14.68
CA SER B 252 -29.64 -4.13 15.48
C SER B 252 -28.93 -5.24 16.20
N GLN B 253 -29.24 -5.37 17.48
CA GLN B 253 -28.74 -6.47 18.26
C GLN B 253 -29.74 -7.62 18.11
N VAL B 254 -29.22 -8.81 17.88
CA VAL B 254 -30.07 -9.98 17.84
C VAL B 254 -29.42 -10.98 18.77
N HIS B 255 -30.23 -11.46 19.73
CA HIS B 255 -29.77 -12.47 20.69
C HIS B 255 -30.20 -13.88 20.26
N PHE B 256 -29.35 -14.85 20.56
CA PHE B 256 -29.65 -16.24 20.28
C PHE B 256 -30.29 -16.91 21.49
#